data_9H3A
#
_entry.id   9H3A
#
_cell.length_a   80.750
_cell.length_b   45.550
_cell.length_c   75.560
_cell.angle_alpha   90.000
_cell.angle_beta   102.261
_cell.angle_gamma   90.000
#
_symmetry.space_group_name_H-M   'C 1 2 1'
#
loop_
_entity.id
_entity.type
_entity.pdbx_description
1 polymer 'LysM type receptor kinase'
2 branched 2-acetamido-2-deoxy-beta-D-glucopyranose-(1-4)-2-acetamido-2-deoxy-beta-D-glucopyranose-(1-4)-2-acetamido-2-deoxy-beta-D-glucopyranose-(1-4)-2-acetamido-2-deoxy-beta-D-glucopyranose-(1-4)-2-acetamido-2-deoxy-beta-D-glucopyranose-(1-4)-2-acetamido-2-deoxy-beta-D-glucopyranose-(1-4)-2-acetamido-2-deoxy-beta-D-glucopyranose-(1-4)-2-acetamido-2-deoxy-beta-D-glucopyranose
3 branched 2-acetamido-2-deoxy-beta-D-glucopyranose-(1-4)-2-acetamido-2-deoxy-beta-D-glucopyranose
4 non-polymer GLYCEROL
5 non-polymer 2-acetamido-2-deoxy-beta-D-glucopyranose
6 water water
#
_entity_poly.entity_id   1
_entity_poly.type   'polypeptide(L)'
_entity_poly.pdbx_seq_one_letter_code
;(PCA)QEYLNNNQLDCDNTHNSTYGNVCNSVTSCQSYLTFKSSSPEYNTPSSISYLLNSTPSLVAKSNNITDVTPIITDT
MVTVPVTCSCSGGRYQHNATYNLKKTGETYFSIANNTYQSLTTCQALMAQNPYDAKNLFAGDDLHVPLRCACPTKKQSDA
GFKYLLTYLVSQGESPDSIAEIFGVDTQSVLDANELDSKSVVFYFTPLLVPLKTEPPARLQIAASHHHHHH
;
_entity_poly.pdbx_strand_id   A
#
loop_
_chem_comp.id
_chem_comp.type
_chem_comp.name
_chem_comp.formula
GOL non-polymer GLYCEROL 'C3 H8 O3'
NAG D-saccharide, beta linking 2-acetamido-2-deoxy-beta-D-glucopyranose 'C8 H15 N O6'
#
# COMPACT_ATOMS: atom_id res chain seq x y z
N PCA A 1 -11.99 -0.54 10.36
CA PCA A 1 -11.43 -1.87 10.28
CB PCA A 1 -12.04 -2.67 11.41
CG PCA A 1 -12.58 -1.55 12.32
CD PCA A 1 -12.61 -0.29 11.52
OE PCA A 1 -13.14 0.76 11.90
C PCA A 1 -11.62 -2.56 8.90
O PCA A 1 -12.65 -2.46 8.30
H PCA A 1 -11.52 0.06 9.99
HA PCA A 1 -10.47 -1.85 10.37
HB2 PCA A 1 -11.37 -3.22 11.85
HB3 PCA A 1 -12.75 -3.26 11.09
HG2 PCA A 1 -12.02 -1.40 13.09
HG3 PCA A 1 -13.48 -1.73 12.63
N GLN A 2 -10.58 -3.25 8.53
CA GLN A 2 -10.58 -4.13 7.37
C GLN A 2 -9.92 -5.43 7.78
N GLU A 3 -10.35 -6.50 7.10
CA GLU A 3 -9.76 -7.82 7.33
C GLU A 3 -8.31 -7.84 6.92
N TYR A 4 -7.46 -8.49 7.66
CA TYR A 4 -6.06 -8.72 7.34
C TYR A 4 -5.93 -9.80 6.28
N LEU A 5 -5.05 -9.58 5.30
CA LEU A 5 -4.91 -10.56 4.23
C LEU A 5 -4.41 -11.89 4.72
N ASN A 6 -3.63 -11.93 5.80
CA ASN A 6 -3.26 -13.18 6.44
C ASN A 6 -2.58 -14.16 5.50
N ASN A 7 -1.77 -13.65 4.57
CA ASN A 7 -1.07 -14.46 3.55
C ASN A 7 -1.95 -15.19 2.55
N ASN A 8 -3.24 -14.88 2.52
CA ASN A 8 -4.09 -15.51 1.49
C ASN A 8 -3.62 -15.13 0.07
N GLN A 9 -2.95 -13.97 -0.09
CA GLN A 9 -2.53 -13.55 -1.40
C GLN A 9 -1.36 -14.35 -1.94
N LEU A 10 -0.75 -15.24 -1.18
CA LEU A 10 0.35 -16.04 -1.71
C LEU A 10 -0.12 -17.28 -2.49
N ASP A 11 -1.40 -17.60 -2.39
CA ASP A 11 -1.91 -18.81 -3.04
C ASP A 11 -2.97 -18.32 -3.99
N CYS A 12 -2.62 -18.26 -5.29
CA CYS A 12 -3.53 -17.58 -6.15
C CYS A 12 -4.75 -18.38 -6.53
N ASP A 13 -4.87 -19.58 -6.01
CA ASP A 13 -6.13 -20.34 -6.12
C ASP A 13 -7.05 -20.09 -4.95
N ASN A 14 -6.55 -19.39 -3.93
CA ASN A 14 -7.36 -18.98 -2.79
C ASN A 14 -8.30 -17.86 -3.19
N THR A 15 -9.52 -17.89 -2.69
CA THR A 15 -10.61 -17.00 -3.03
C THR A 15 -11.15 -16.30 -1.77
N HIS A 16 -10.35 -16.18 -0.72
CA HIS A 16 -10.78 -15.46 0.44
C HIS A 16 -11.15 -14.02 0.09
N ASN A 17 -12.25 -13.54 0.65
CA ASN A 17 -12.81 -12.24 0.28
C ASN A 17 -11.81 -11.11 0.43
N SER A 18 -10.90 -11.21 1.38
CA SER A 18 -9.95 -10.13 1.61
C SER A 18 -9.07 -9.90 0.42
N THR A 19 -8.78 -10.95 -0.33
CA THR A 19 -7.89 -10.83 -1.45
C THR A 19 -8.43 -10.01 -2.59
N TYR A 20 -9.74 -9.78 -2.61
CA TYR A 20 -10.32 -9.00 -3.70
C TYR A 20 -10.27 -7.49 -3.42
N GLY A 21 -9.88 -7.10 -2.21
CA GLY A 21 -9.68 -5.71 -1.82
C GLY A 21 -10.36 -5.37 -0.53
N ASN A 22 -9.90 -4.32 0.09
CA ASN A 22 -10.62 -3.73 1.22
C ASN A 22 -12.06 -3.41 0.80
N VAL A 23 -12.96 -3.49 1.76
CA VAL A 23 -14.38 -3.35 1.48
C VAL A 23 -14.76 -1.88 1.63
N CYS A 24 -15.67 -1.44 0.78
CA CYS A 24 -16.19 -0.07 0.86
C CYS A 24 -17.15 0.04 2.05
N ASN A 25 -16.62 0.49 3.20
CA ASN A 25 -17.42 0.54 4.42
C ASN A 25 -17.47 1.93 5.05
N SER A 26 -17.13 2.95 4.27
CA SER A 26 -17.17 4.33 4.74
C SER A 26 -17.40 5.23 3.53
N VAL A 27 -16.85 6.44 3.59
CA VAL A 27 -17.03 7.45 2.55
C VAL A 27 -16.54 6.93 1.19
N THR A 28 -17.14 7.46 0.13
CA THR A 28 -16.86 6.87 -1.18
C THR A 28 -15.48 7.24 -1.73
N SER A 29 -14.87 8.32 -1.23
CA SER A 29 -13.56 8.70 -1.69
C SER A 29 -12.84 9.52 -0.61
N CYS A 30 -11.52 9.37 -0.58
CA CYS A 30 -10.73 10.09 0.40
C CYS A 30 -9.28 10.15 -0.03
N GLN A 31 -8.55 11.03 0.67
CA GLN A 31 -7.10 10.98 0.64
CA GLN A 31 -7.10 10.98 0.61
C GLN A 31 -6.60 9.76 1.37
N SER A 32 -5.62 9.07 0.79
CA SER A 32 -4.97 7.94 1.42
CA SER A 32 -4.97 7.94 1.44
C SER A 32 -3.49 7.96 1.07
N TYR A 33 -2.78 7.00 1.54
CA TYR A 33 -1.36 6.80 1.29
C TYR A 33 -1.01 5.37 1.01
N LEU A 34 -0.12 5.16 0.07
CA LEU A 34 0.59 3.90 -0.09
C LEU A 34 2.02 4.07 0.38
N THR A 35 2.73 2.97 0.48
CA THR A 35 4.17 2.96 0.69
C THR A 35 4.80 2.07 -0.37
N PHE A 36 6.10 2.31 -0.62
CA PHE A 36 6.78 1.63 -1.68
C PHE A 36 8.26 1.74 -1.43
N LYS A 37 9.02 0.68 -1.69
CA LYS A 37 10.48 0.70 -1.52
C LYS A 37 11.14 1.01 -2.86
N SER A 38 11.93 2.08 -2.91
CA SER A 38 12.65 2.40 -4.13
CA SER A 38 12.63 2.40 -4.14
C SER A 38 13.36 1.16 -4.66
N SER A 39 13.26 0.95 -5.96
CA SER A 39 13.88 -0.16 -6.63
C SER A 39 14.59 0.39 -7.84
N SER A 40 15.85 0.05 -7.96
CA SER A 40 16.67 0.49 -9.07
CA SER A 40 16.67 0.51 -9.07
C SER A 40 16.80 -0.58 -10.12
N PRO A 41 16.83 -0.23 -11.41
CA PRO A 41 16.81 1.14 -11.94
C PRO A 41 15.44 1.65 -12.36
N GLU A 42 14.40 0.82 -12.22
CA GLU A 42 13.11 1.12 -12.84
C GLU A 42 12.24 2.05 -12.03
N TYR A 43 12.26 1.92 -10.71
CA TYR A 43 11.29 2.59 -9.83
C TYR A 43 12.01 3.29 -8.68
N ASN A 44 12.92 4.22 -9.00
CA ASN A 44 13.74 4.87 -8.00
C ASN A 44 13.76 6.38 -8.13
N THR A 45 12.75 6.95 -8.78
CA THR A 45 12.57 8.40 -8.78
C THR A 45 11.11 8.74 -8.53
N PRO A 46 10.81 9.97 -8.13
CA PRO A 46 9.38 10.35 -7.97
C PRO A 46 8.56 10.12 -9.24
N SER A 47 9.16 10.36 -10.39
CA SER A 47 8.50 10.13 -11.69
C SER A 47 8.14 8.67 -11.90
N SER A 48 9.11 7.80 -11.75
CA SER A 48 8.87 6.38 -12.07
C SER A 48 7.99 5.70 -11.03
N ILE A 49 8.19 6.04 -9.75
CA ILE A 49 7.29 5.51 -8.73
C ILE A 49 5.87 6.01 -8.93
N SER A 50 5.72 7.32 -9.24
CA SER A 50 4.38 7.83 -9.47
CA SER A 50 4.39 7.83 -9.47
C SER A 50 3.75 7.19 -10.69
N TYR A 51 4.53 6.92 -11.75
CA TYR A 51 4.01 6.24 -12.91
C TYR A 51 3.47 4.87 -12.55
N LEU A 52 4.26 4.10 -11.80
CA LEU A 52 3.84 2.76 -11.43
C LEU A 52 2.55 2.75 -10.63
N LEU A 53 2.44 3.70 -9.69
CA LEU A 53 1.36 3.71 -8.68
C LEU A 53 0.24 4.67 -9.01
N ASN A 54 0.39 5.43 -10.10
CA ASN A 54 -0.60 6.40 -10.51
C ASN A 54 -0.80 7.47 -9.42
N SER A 55 0.29 8.13 -9.05
CA SER A 55 0.28 9.29 -8.16
C SER A 55 0.71 10.47 -9.01
N THR A 56 1.35 11.44 -8.39
CA THR A 56 2.05 12.49 -9.16
C THR A 56 3.44 12.66 -8.57
N PRO A 57 4.43 13.09 -9.37
CA PRO A 57 5.77 13.29 -8.80
C PRO A 57 5.79 14.37 -7.74
N SER A 58 4.96 15.42 -7.92
CA SER A 58 4.93 16.49 -6.94
CA SER A 58 4.93 16.49 -6.94
C SER A 58 4.41 15.98 -5.59
N LEU A 59 3.39 15.11 -5.60
CA LEU A 59 2.83 14.64 -4.34
C LEU A 59 3.83 13.70 -3.65
N VAL A 60 4.48 12.84 -4.42
CA VAL A 60 5.54 11.99 -3.88
C VAL A 60 6.64 12.84 -3.29
N ALA A 61 7.06 13.86 -4.04
CA ALA A 61 8.16 14.70 -3.58
C ALA A 61 7.82 15.39 -2.27
N LYS A 62 6.62 15.96 -2.18
CA LYS A 62 6.21 16.66 -0.97
C LYS A 62 6.06 15.74 0.21
N SER A 63 5.46 14.54 -0.01
CA SER A 63 5.23 13.63 1.07
C SER A 63 6.52 13.12 1.68
N ASN A 64 7.63 13.15 0.91
CA ASN A 64 8.93 12.65 1.32
C ASN A 64 9.96 13.72 1.58
N ASN A 65 9.56 14.96 1.41
CA ASN A 65 10.47 16.10 1.60
C ASN A 65 11.71 16.02 0.71
N ILE A 66 11.49 15.62 -0.57
CA ILE A 66 12.55 15.55 -1.55
C ILE A 66 12.13 16.34 -2.78
N THR A 67 13.04 16.47 -3.73
CA THR A 67 12.59 17.11 -4.97
C THR A 67 11.94 16.10 -5.91
N ASP A 68 11.24 16.63 -6.89
CA ASP A 68 10.50 15.73 -7.80
C ASP A 68 11.39 15.02 -8.80
N VAL A 69 12.71 15.23 -8.75
CA VAL A 69 13.59 14.58 -9.69
C VAL A 69 14.78 13.87 -9.09
N THR A 70 14.97 14.01 -7.82
CA THR A 70 16.18 13.36 -7.30
CA THR A 70 16.18 13.37 -7.29
C THR A 70 15.98 11.86 -7.10
N PRO A 71 17.01 11.07 -7.42
CA PRO A 71 16.92 9.63 -7.21
C PRO A 71 16.78 9.34 -5.74
N ILE A 72 16.07 8.24 -5.49
CA ILE A 72 15.79 7.72 -4.16
C ILE A 72 16.66 6.48 -3.98
N ILE A 73 17.48 6.49 -2.93
CA ILE A 73 18.38 5.36 -2.66
C ILE A 73 17.60 4.06 -2.60
N THR A 74 18.15 3.04 -3.25
CA THR A 74 17.45 1.77 -3.33
C THR A 74 17.08 1.27 -1.94
N ASP A 75 15.83 0.76 -1.81
CA ASP A 75 15.26 0.13 -0.63
C ASP A 75 14.73 1.17 0.36
N THR A 76 14.83 2.45 0.06
CA THR A 76 14.20 3.46 0.90
C THR A 76 12.70 3.36 0.70
N MET A 77 11.98 3.17 1.83
CA MET A 77 10.53 3.16 1.78
CA MET A 77 10.53 3.15 1.78
C MET A 77 10.01 4.59 1.77
N VAL A 78 9.25 4.95 0.74
CA VAL A 78 8.66 6.27 0.54
C VAL A 78 7.13 6.19 0.71
N THR A 79 6.53 7.28 1.11
CA THR A 79 5.09 7.48 1.10
C THR A 79 4.59 8.00 -0.22
N VAL A 80 3.41 7.56 -0.61
CA VAL A 80 2.88 7.86 -1.94
C VAL A 80 1.43 8.29 -1.76
N PRO A 81 1.12 9.58 -1.78
CA PRO A 81 -0.28 10.01 -1.64
C PRO A 81 -1.12 9.59 -2.82
N VAL A 82 -2.28 8.98 -2.53
CA VAL A 82 -3.21 8.56 -3.58
C VAL A 82 -4.63 8.84 -3.14
N THR A 83 -5.52 8.99 -4.12
CA THR A 83 -6.95 9.02 -3.84
C THR A 83 -7.43 7.58 -3.76
N CYS A 84 -8.16 7.26 -2.69
CA CYS A 84 -8.79 5.94 -2.56
C CYS A 84 -10.28 6.13 -2.77
N SER A 85 -10.87 5.27 -3.63
CA SER A 85 -12.31 5.40 -3.86
CA SER A 85 -12.27 5.40 -4.00
C SER A 85 -12.92 4.01 -4.01
N CYS A 86 -14.25 4.00 -3.89
CA CYS A 86 -15.01 2.77 -3.99
C CYS A 86 -15.33 2.45 -5.43
N SER A 87 -15.10 1.18 -5.80
CA SER A 87 -15.48 0.63 -7.08
CA SER A 87 -15.47 0.62 -7.09
C SER A 87 -15.91 -0.82 -6.80
N GLY A 88 -17.09 -1.19 -7.27
CA GLY A 88 -17.55 -2.57 -7.14
C GLY A 88 -17.52 -3.12 -5.74
N GLY A 89 -17.85 -2.29 -4.75
CA GLY A 89 -17.91 -2.72 -3.37
C GLY A 89 -16.58 -2.75 -2.65
N ARG A 90 -15.48 -2.33 -3.32
CA ARG A 90 -14.15 -2.39 -2.79
C ARG A 90 -13.58 -0.96 -2.75
N TYR A 91 -12.73 -0.69 -1.77
CA TYR A 91 -11.86 0.48 -1.89
C TYR A 91 -10.65 0.07 -2.72
N GLN A 92 -10.21 0.94 -3.62
CA GLN A 92 -8.95 0.72 -4.32
C GLN A 92 -8.52 2.03 -4.96
N HIS A 93 -7.26 2.01 -5.35
CA HIS A 93 -6.65 3.07 -6.14
C HIS A 93 -6.17 2.45 -7.44
N ASN A 94 -6.77 2.89 -8.56
CA ASN A 94 -6.47 2.29 -9.83
C ASN A 94 -5.14 2.77 -10.40
N ALA A 95 -4.38 1.86 -10.94
CA ALA A 95 -3.19 2.17 -11.74
C ALA A 95 -3.24 1.27 -12.96
N THR A 96 -2.28 1.44 -13.85
CA THR A 96 -2.18 0.63 -15.06
CA THR A 96 -2.19 0.64 -15.07
C THR A 96 -0.76 0.12 -15.18
N TYR A 97 -0.60 -1.10 -15.65
CA TYR A 97 0.72 -1.72 -15.76
C TYR A 97 0.80 -2.42 -17.11
N ASN A 98 1.78 -2.04 -17.91
CA ASN A 98 2.09 -2.72 -19.13
C ASN A 98 3.17 -3.74 -18.90
N LEU A 99 2.88 -5.03 -19.21
CA LEU A 99 3.90 -6.02 -18.93
C LEU A 99 5.14 -5.78 -19.78
N LYS A 100 6.31 -5.93 -19.16
CA LYS A 100 7.57 -5.65 -19.83
C LYS A 100 8.17 -6.87 -20.51
N LYS A 101 8.06 -8.01 -19.84
CA LYS A 101 8.72 -9.24 -20.31
C LYS A 101 7.76 -10.40 -20.21
N THR A 102 7.61 -11.17 -21.28
CA THR A 102 6.82 -12.38 -21.19
C THR A 102 7.52 -13.29 -20.20
N GLY A 103 6.75 -13.83 -19.27
CA GLY A 103 7.24 -14.54 -18.09
C GLY A 103 6.80 -13.88 -16.81
N GLU A 104 6.45 -12.60 -16.85
CA GLU A 104 5.76 -11.96 -15.72
C GLU A 104 4.40 -12.63 -15.53
N THR A 105 4.00 -12.67 -14.29
CA THR A 105 2.79 -13.39 -13.89
C THR A 105 1.94 -12.47 -13.02
N TYR A 106 0.67 -12.79 -12.81
CA TYR A 106 -0.14 -11.97 -11.90
C TYR A 106 0.50 -11.94 -10.53
N PHE A 107 1.02 -13.08 -10.06
CA PHE A 107 1.68 -13.07 -8.76
C PHE A 107 2.98 -12.27 -8.73
N SER A 108 3.84 -12.39 -9.74
CA SER A 108 5.06 -11.57 -9.74
C SER A 108 4.73 -10.11 -9.86
N ILE A 109 3.67 -9.78 -10.58
CA ILE A 109 3.30 -8.35 -10.68
C ILE A 109 2.74 -7.86 -9.34
N ALA A 110 1.92 -8.64 -8.66
CA ALA A 110 1.31 -8.18 -7.42
C ALA A 110 2.33 -8.16 -6.29
N ASN A 111 3.14 -9.21 -6.18
CA ASN A 111 4.04 -9.41 -5.05
C ASN A 111 5.42 -8.76 -5.23
N ASN A 112 6.00 -8.91 -6.42
CA ASN A 112 7.31 -8.32 -6.68
C ASN A 112 7.21 -6.89 -7.21
N THR A 113 6.61 -6.69 -8.37
CA THR A 113 6.61 -5.38 -9.00
C THR A 113 5.89 -4.38 -8.14
N TYR A 114 4.71 -4.73 -7.66
CA TYR A 114 3.91 -3.82 -6.85
C TYR A 114 4.12 -4.06 -5.35
N GLN A 115 5.10 -4.93 -5.00
CA GLN A 115 5.52 -5.04 -3.60
C GLN A 115 4.38 -5.36 -2.65
N SER A 116 3.41 -6.16 -3.14
N SER A 116 3.38 -6.10 -3.14
CA SER A 116 2.26 -6.57 -2.33
CA SER A 116 2.20 -6.56 -2.37
C SER A 116 1.20 -5.47 -2.14
C SER A 116 1.13 -5.49 -2.23
N LEU A 117 1.30 -4.33 -2.86
CA LEU A 117 0.24 -3.35 -2.81
C LEU A 117 -1.00 -3.78 -3.58
N THR A 118 -0.95 -4.89 -4.31
CA THR A 118 -2.16 -5.49 -4.85
C THR A 118 -2.03 -7.01 -4.61
N THR A 119 -3.01 -7.74 -5.12
CA THR A 119 -3.02 -9.20 -5.03
C THR A 119 -3.27 -9.85 -6.37
N CYS A 120 -2.79 -11.07 -6.51
CA CYS A 120 -3.03 -11.80 -7.72
C CYS A 120 -4.51 -11.97 -7.95
N GLN A 121 -5.27 -12.17 -6.85
CA GLN A 121 -6.70 -12.37 -7.00
C GLN A 121 -7.41 -11.15 -7.54
N ALA A 122 -7.06 -9.97 -7.02
CA ALA A 122 -7.71 -8.76 -7.47
C ALA A 122 -7.28 -8.44 -8.92
N LEU A 123 -6.03 -8.71 -9.29
CA LEU A 123 -5.62 -8.57 -10.65
C LEU A 123 -6.43 -9.47 -11.55
N MET A 124 -6.54 -10.74 -11.17
CA MET A 124 -7.30 -11.67 -11.98
C MET A 124 -8.76 -11.27 -12.14
N ALA A 125 -9.38 -10.81 -11.03
CA ALA A 125 -10.78 -10.43 -11.04
C ALA A 125 -11.03 -9.26 -11.98
N GLN A 126 -10.04 -8.39 -12.13
CA GLN A 126 -10.25 -7.11 -12.81
C GLN A 126 -9.55 -7.06 -14.14
N ASN A 127 -9.14 -8.20 -14.67
CA ASN A 127 -8.47 -8.22 -15.97
C ASN A 127 -8.94 -9.43 -16.75
N PRO A 128 -8.79 -9.38 -18.07
CA PRO A 128 -9.40 -10.39 -18.92
C PRO A 128 -8.52 -11.57 -19.23
N TYR A 129 -7.26 -11.52 -18.93
CA TYR A 129 -6.30 -12.53 -19.38
C TYR A 129 -6.28 -13.70 -18.39
N ASP A 130 -6.25 -14.90 -18.94
CA ASP A 130 -5.98 -16.03 -18.07
C ASP A 130 -4.55 -15.96 -17.57
N ALA A 131 -4.37 -16.46 -16.35
CA ALA A 131 -3.07 -16.43 -15.69
C ALA A 131 -1.97 -16.95 -16.61
N LYS A 132 -2.23 -17.99 -17.43
CA LYS A 132 -1.19 -18.62 -18.21
C LYS A 132 -1.06 -18.02 -19.60
N ASN A 133 -1.75 -16.90 -19.87
CA ASN A 133 -1.84 -16.29 -21.18
C ASN A 133 -1.49 -14.81 -21.11
N LEU A 134 -0.47 -14.47 -20.36
CA LEU A 134 0.01 -13.09 -20.25
C LEU A 134 1.24 -12.94 -21.11
N PHE A 135 1.35 -11.78 -21.74
CA PHE A 135 2.42 -11.50 -22.71
C PHE A 135 2.94 -10.11 -22.46
N ALA A 136 4.20 -9.89 -22.84
CA ALA A 136 4.74 -8.54 -22.90
C ALA A 136 3.81 -7.66 -23.73
N GLY A 137 3.55 -6.44 -23.25
CA GLY A 137 2.65 -5.54 -23.95
C GLY A 137 1.20 -5.58 -23.52
N ASP A 138 0.79 -6.59 -22.75
CA ASP A 138 -0.55 -6.60 -22.23
C ASP A 138 -0.66 -5.50 -21.16
N ASP A 139 -1.78 -4.80 -21.15
CA ASP A 139 -2.02 -3.76 -20.15
C ASP A 139 -2.92 -4.34 -19.09
N LEU A 140 -2.56 -4.13 -17.86
CA LEU A 140 -3.37 -4.57 -16.73
C LEU A 140 -3.93 -3.40 -15.96
N HIS A 141 -5.19 -3.56 -15.53
CA HIS A 141 -5.83 -2.68 -14.54
C HIS A 141 -5.34 -3.17 -13.18
N VAL A 142 -4.74 -2.29 -12.41
CA VAL A 142 -4.10 -2.65 -11.16
C VAL A 142 -4.91 -2.05 -10.02
N PRO A 143 -5.56 -2.85 -9.18
CA PRO A 143 -6.35 -2.29 -8.08
C PRO A 143 -5.48 -2.24 -6.85
N LEU A 144 -4.89 -1.09 -6.56
CA LEU A 144 -3.99 -0.97 -5.42
C LEU A 144 -4.80 -0.86 -4.12
N ARG A 145 -4.28 -1.47 -3.06
CA ARG A 145 -5.00 -1.57 -1.81
C ARG A 145 -4.89 -0.30 -1.02
N CYS A 146 -6.03 0.22 -0.64
CA CYS A 146 -6.12 1.42 0.21
C CYS A 146 -7.50 1.37 0.85
N ALA A 147 -7.69 2.18 1.88
CA ALA A 147 -9.04 2.29 2.44
C ALA A 147 -9.20 3.70 2.99
N CYS A 148 -10.43 4.05 3.27
CA CYS A 148 -10.78 5.31 3.87
C CYS A 148 -11.16 5.07 5.33
N PRO A 149 -10.86 5.95 6.25
CA PRO A 149 -11.25 5.75 7.65
C PRO A 149 -12.74 5.55 7.78
N THR A 150 -13.09 4.60 8.61
CA THR A 150 -14.49 4.43 8.99
C THR A 150 -14.89 5.60 9.87
N LYS A 151 -16.20 5.73 10.08
CA LYS A 151 -16.70 6.74 10.99
CA LYS A 151 -16.71 6.74 11.00
C LYS A 151 -16.08 6.63 12.38
N LYS A 152 -15.98 5.41 12.91
CA LYS A 152 -15.36 5.21 14.22
C LYS A 152 -13.89 5.65 14.24
N GLN A 153 -13.14 5.38 13.18
CA GLN A 153 -11.76 5.82 13.11
C GLN A 153 -11.67 7.34 12.99
N SER A 154 -12.51 7.95 12.15
CA SER A 154 -12.52 9.40 12.02
C SER A 154 -12.86 10.05 13.35
N ASP A 155 -13.82 9.44 14.09
CA ASP A 155 -14.22 10.03 15.36
C ASP A 155 -13.09 9.95 16.37
N ALA A 156 -12.19 9.00 16.25
CA ALA A 156 -11.01 8.88 17.11
C ALA A 156 -9.85 9.74 16.68
N GLY A 157 -10.03 10.55 15.65
CA GLY A 157 -8.99 11.45 15.18
C GLY A 157 -8.10 10.93 14.09
N PHE A 158 -8.43 9.81 13.48
CA PHE A 158 -7.63 9.37 12.36
C PHE A 158 -8.17 10.00 11.09
N LYS A 159 -7.29 10.72 10.40
CA LYS A 159 -7.61 11.47 9.20
C LYS A 159 -7.40 10.65 7.93
N TYR A 160 -6.49 9.70 7.99
CA TYR A 160 -6.14 8.90 6.84
C TYR A 160 -5.84 7.50 7.28
N LEU A 161 -5.91 6.58 6.32
CA LEU A 161 -5.34 5.27 6.47
C LEU A 161 -4.18 5.13 5.46
N LEU A 162 -3.10 4.50 5.88
CA LEU A 162 -1.92 4.30 5.06
C LEU A 162 -1.70 2.82 4.87
N THR A 163 -1.41 2.39 3.67
CA THR A 163 -1.13 0.99 3.35
C THR A 163 0.36 0.81 3.52
N TYR A 164 0.77 0.09 4.59
CA TYR A 164 2.17 -0.04 5.00
C TYR A 164 2.69 -1.37 4.54
N LEU A 165 3.79 -1.39 3.80
CA LEU A 165 4.43 -2.63 3.40
C LEU A 165 5.34 -3.12 4.49
N VAL A 166 5.00 -4.29 5.03
CA VAL A 166 5.68 -4.80 6.20
C VAL A 166 6.96 -5.54 5.84
N SER A 167 8.01 -5.27 6.58
CA SER A 167 9.33 -5.87 6.38
C SER A 167 9.67 -6.82 7.52
N GLN A 168 10.58 -7.74 7.24
CA GLN A 168 10.92 -8.78 8.21
C GLN A 168 11.48 -8.11 9.45
N GLY A 169 10.97 -8.53 10.61
CA GLY A 169 11.40 -8.00 11.87
C GLY A 169 10.45 -7.01 12.51
N GLU A 170 9.55 -6.43 11.73
CA GLU A 170 8.59 -5.47 12.27
C GLU A 170 7.47 -6.14 13.05
N SER A 171 6.69 -5.34 13.76
CA SER A 171 5.53 -5.82 14.49
C SER A 171 4.51 -4.69 14.51
N PRO A 172 3.25 -4.98 14.88
CA PRO A 172 2.28 -3.89 15.07
C PRO A 172 2.82 -2.80 15.99
N ASP A 173 3.47 -3.19 17.09
CA ASP A 173 4.00 -2.20 18.02
C ASP A 173 5.02 -1.32 17.34
N SER A 174 5.98 -1.89 16.64
CA SER A 174 7.06 -1.09 16.06
C SER A 174 6.54 -0.19 14.95
N ILE A 175 5.56 -0.69 14.17
CA ILE A 175 4.96 0.10 13.10
C ILE A 175 4.16 1.26 13.68
N ALA A 176 3.38 0.99 14.73
CA ALA A 176 2.61 2.05 15.36
C ALA A 176 3.52 3.16 15.85
N GLU A 177 4.71 2.78 16.36
CA GLU A 177 5.63 3.79 16.89
C GLU A 177 6.11 4.72 15.78
N ILE A 178 6.32 4.22 14.58
CA ILE A 178 6.80 5.10 13.50
C ILE A 178 5.83 6.24 13.28
N PHE A 179 4.55 5.99 13.40
CA PHE A 179 3.50 6.94 13.04
C PHE A 179 2.91 7.62 14.25
N GLY A 180 3.41 7.32 15.45
CA GLY A 180 2.93 8.01 16.63
C GLY A 180 1.52 7.67 17.03
N VAL A 181 1.10 6.45 16.77
CA VAL A 181 -0.25 5.99 17.09
C VAL A 181 -0.15 4.79 18.03
N ASP A 182 -1.23 4.52 18.75
CA ASP A 182 -1.23 3.38 19.66
C ASP A 182 -1.23 2.06 18.87
N THR A 183 -0.58 1.05 19.45
CA THR A 183 -0.61 -0.26 18.83
C THR A 183 -2.04 -0.75 18.63
N GLN A 184 -2.90 -0.57 19.64
CA GLN A 184 -4.28 -1.03 19.53
C GLN A 184 -4.99 -0.47 18.30
N SER A 185 -4.65 0.76 17.89
N SER A 185 -4.61 0.74 17.89
CA SER A 185 -5.28 1.31 16.70
CA SER A 185 -5.23 1.34 16.71
C SER A 185 -4.86 0.55 15.44
C SER A 185 -4.84 0.60 15.43
N VAL A 186 -3.60 0.12 15.37
CA VAL A 186 -3.15 -0.67 14.22
C VAL A 186 -3.83 -2.04 14.27
N LEU A 187 -3.91 -2.64 15.45
CA LEU A 187 -4.65 -3.92 15.56
C LEU A 187 -6.10 -3.78 15.12
N ASP A 188 -6.78 -2.74 15.61
CA ASP A 188 -8.19 -2.54 15.26
C ASP A 188 -8.35 -2.31 13.77
N ALA A 189 -7.42 -1.56 13.17
CA ALA A 189 -7.53 -1.25 11.78
C ALA A 189 -7.47 -2.47 10.89
N ASN A 190 -6.87 -3.56 11.39
CA ASN A 190 -6.68 -4.76 10.60
C ASN A 190 -7.37 -5.97 11.18
N GLU A 191 -8.31 -5.76 12.08
CA GLU A 191 -9.06 -6.83 12.70
C GLU A 191 -8.12 -7.92 13.24
N LEU A 192 -7.14 -7.49 13.99
CA LEU A 192 -6.15 -8.33 14.61
C LEU A 192 -6.28 -8.20 16.12
N ASP A 193 -5.83 -9.23 16.81
CA ASP A 193 -5.66 -9.17 18.26
C ASP A 193 -4.18 -9.10 18.62
N SER A 194 -3.90 -8.91 19.90
CA SER A 194 -2.52 -8.64 20.31
C SER A 194 -1.58 -9.80 20.13
N LYS A 195 -2.09 -11.02 19.82
CA LYS A 195 -1.24 -12.17 19.56
C LYS A 195 -1.23 -12.53 18.09
N SER A 196 -2.03 -11.85 17.24
CA SER A 196 -2.02 -12.17 15.83
C SER A 196 -0.64 -11.97 15.22
N VAL A 197 -0.26 -12.87 14.35
CA VAL A 197 0.96 -12.75 13.57
C VAL A 197 0.72 -11.89 12.35
N VAL A 198 1.66 -10.97 12.11
CA VAL A 198 1.69 -10.17 10.89
CA VAL A 198 1.69 -10.19 10.87
C VAL A 198 2.91 -10.62 10.08
N PHE A 199 2.71 -10.85 8.82
CA PHE A 199 3.74 -11.37 7.93
C PHE A 199 4.44 -10.26 7.16
N TYR A 200 5.73 -10.46 6.94
CA TYR A 200 6.40 -9.56 5.99
C TYR A 200 5.91 -9.89 4.56
N PHE A 201 6.03 -8.88 3.66
CA PHE A 201 5.46 -8.93 2.30
C PHE A 201 3.92 -8.98 2.27
N THR A 202 3.26 -8.59 3.36
CA THR A 202 1.78 -8.49 3.37
C THR A 202 1.45 -7.09 3.85
N PRO A 203 0.66 -6.33 3.10
CA PRO A 203 0.34 -4.95 3.50
C PRO A 203 -0.58 -4.90 4.69
N LEU A 204 -0.35 -3.89 5.52
CA LEU A 204 -1.06 -3.63 6.75
C LEU A 204 -1.58 -2.20 6.74
N LEU A 205 -2.84 -1.97 7.18
CA LEU A 205 -3.33 -0.61 7.29
C LEU A 205 -2.86 0.05 8.57
N VAL A 206 -2.43 1.29 8.49
CA VAL A 206 -2.02 2.07 9.64
C VAL A 206 -2.91 3.30 9.66
N PRO A 207 -3.69 3.53 10.72
CA PRO A 207 -4.47 4.76 10.79
C PRO A 207 -3.61 5.92 11.29
N LEU A 208 -3.76 7.08 10.61
CA LEU A 208 -2.92 8.24 10.86
C LEU A 208 -3.73 9.39 11.41
N LYS A 209 -3.15 10.09 12.39
CA LYS A 209 -3.71 11.32 12.90
C LYS A 209 -3.24 12.56 12.19
N THR A 210 -2.18 12.43 11.41
CA THR A 210 -1.63 13.53 10.62
C THR A 210 -0.89 12.92 9.43
N GLU A 211 -0.38 13.77 8.56
CA GLU A 211 0.34 13.25 7.42
C GLU A 211 1.53 12.42 7.91
N PRO A 212 1.94 11.41 7.16
CA PRO A 212 3.00 10.55 7.64
C PRO A 212 4.30 11.33 7.78
N PRO A 213 5.25 10.81 8.56
CA PRO A 213 6.58 11.42 8.58
C PRO A 213 7.21 11.39 7.20
N ALA A 214 8.10 12.33 6.93
CA ALA A 214 8.69 12.45 5.61
C ALA A 214 9.77 11.41 5.36
N ARG A 215 10.46 10.95 6.42
CA ARG A 215 11.47 9.90 6.29
C ARG A 215 11.09 8.78 7.25
N LEU A 216 10.68 7.63 6.71
CA LEU A 216 10.18 6.60 7.58
C LEU A 216 11.29 5.93 8.38
N GLN A 217 12.46 5.69 7.77
CA GLN A 217 13.52 4.94 8.47
C GLN A 217 13.89 5.60 9.78
N ILE A 218 14.11 6.92 9.76
CA ILE A 218 14.54 7.59 10.98
C ILE A 218 13.38 7.72 11.94
N ALA A 219 12.15 7.76 11.41
CA ALA A 219 10.96 7.72 12.29
C ALA A 219 10.89 6.44 13.09
N ALA A 220 11.54 5.37 12.63
CA ALA A 220 11.66 4.16 13.43
C ALA A 220 12.69 4.23 14.55
N SER A 221 13.47 5.31 14.63
CA SER A 221 14.47 5.44 15.71
C SER A 221 13.83 5.64 17.06
N HIS A 222 14.35 4.95 18.09
CA HIS A 222 13.82 5.11 19.43
C HIS A 222 14.01 6.53 19.91
N HIS A 223 14.98 7.26 19.34
CA HIS A 223 15.20 8.63 19.77
C HIS A 223 14.25 9.59 19.11
N HIS A 224 13.47 9.12 18.15
CA HIS A 224 12.47 9.97 17.51
C HIS A 224 11.08 9.76 18.13
N HIS A 225 10.97 9.08 19.28
CA HIS A 225 9.69 9.01 19.98
C HIS A 225 9.87 8.92 21.49
N HIS A 226 8.77 9.21 22.19
CA HIS A 226 8.63 8.92 23.63
C HIS A 226 9.53 9.82 24.50
N HIS A 227 9.48 11.12 24.24
CA HIS A 227 10.27 12.07 25.03
C HIS A 227 9.72 13.49 24.91
C1 NAG B . 6.87 -10.44 16.88
C2 NAG B . 7.32 -11.91 16.84
C3 NAG B . 7.88 -12.25 15.47
C4 NAG B . 6.86 -11.84 14.41
C5 NAG B . 6.27 -10.44 14.62
C6 NAG B . 5.07 -10.12 13.75
C7 NAG B . 8.14 -13.01 18.90
C8 NAG B . 9.32 -13.11 19.82
N2 NAG B . 8.31 -12.17 17.86
O1 NAG B . 6.39 -10.09 18.14
O3 NAG B . 8.17 -13.62 15.39
O4 NAG B . 7.47 -11.99 13.15
O5 NAG B . 5.84 -10.27 15.97
O6 NAG B . 4.01 -11.06 13.96
O7 NAG B . 7.11 -13.66 19.07
H1 NAG B . 7.65 -9.89 16.66
H2 NAG B . 6.54 -12.46 17.00
H3 NAG B . 8.69 -11.74 15.35
H4 NAG B . 6.12 -12.47 14.54
H5 NAG B . 6.97 -9.80 14.40
H61 NAG B . 5.37 -10.12 12.83
H62 NAG B . 4.78 -9.22 13.96
H81 NAG B . 9.21 -13.88 20.40
H82 NAG B . 9.39 -12.30 20.35
H83 NAG B . 10.13 -13.22 19.29
HN2 NAG B . 9.06 -11.77 17.79
HO1 NAG B . 5.74 -9.55 18.04
HO3 NAG B . 7.83 -13.93 14.67
HO6 NAG B . 3.73 -10.97 14.76
C1 NAG B . 6.82 -12.96 12.33
C2 NAG B . 7.09 -12.62 10.86
C3 NAG B . 6.30 -13.58 9.96
C4 NAG B . 6.77 -14.97 10.32
C5 NAG B . 6.62 -15.21 11.84
C6 NAG B . 7.16 -16.57 12.19
C7 NAG B . 7.61 -10.26 10.41
C8 NAG B . 6.99 -8.94 10.11
N2 NAG B . 6.72 -11.26 10.58
O3 NAG B . 6.57 -13.18 8.63
O4 NAG B . 5.96 -15.90 9.63
O5 NAG B . 7.27 -14.25 12.60
O6 NAG B . 8.53 -16.65 11.93
O7 NAG B . 8.83 -10.40 10.49
H2 NAG B . 8.05 -12.72 10.69
H3 NAG B . 5.34 -13.55 10.10
H4 NAG B . 7.69 -15.01 10.06
H5 NAG B . 5.68 -15.15 12.07
H61 NAG B . 6.66 -17.22 11.69
H62 NAG B . 6.98 -16.72 13.13
H81 NAG B . 7.68 -8.30 9.90
H82 NAG B . 6.48 -8.64 10.87
H83 NAG B . 6.39 -9.04 9.34
HN2 NAG B . 5.88 -11.09 10.53
HO3 NAG B . 6.09 -13.66 8.11
HO6 NAG B . 8.90 -15.91 12.15
C1 NAG B . 6.56 -16.50 8.48
C2 NAG B . 5.87 -17.86 8.22
C3 NAG B . 6.29 -18.39 6.87
C4 NAG B . 6.12 -17.40 5.74
C5 NAG B . 6.77 -16.10 6.14
C6 NAG B . 6.46 -14.99 5.17
C7 NAG B . 5.09 -19.02 10.20
C8 NAG B . 5.44 -19.93 11.34
N2 NAG B . 6.09 -18.73 9.33
O3 NAG B . 5.57 -19.59 6.65
O4 NAG B . 6.75 -17.92 4.61
O5 NAG B . 6.30 -15.64 7.40
O6 NAG B . 5.10 -14.81 4.92
O7 NAG B . 3.93 -18.55 10.13
H2 NAG B . 4.90 -17.75 8.17
H3 NAG B . 7.25 -18.54 6.92
H4 NAG B . 5.16 -17.26 5.59
H5 NAG B . 7.74 -16.25 6.19
H61 NAG B . 6.95 -15.19 4.35
H62 NAG B . 6.86 -14.18 5.54
H81 NAG B . 4.70 -19.95 11.97
H82 NAG B . 6.24 -19.61 11.77
H83 NAG B . 5.60 -20.82 10.99
HN2 NAG B . 6.88 -19.07 9.43
HO3 NAG B . 4.75 -19.39 6.59
HO6 NAG B . 5.02 -14.15 4.39
C1 NAG B . 5.87 -18.04 3.51
C2 NAG B . 6.77 -18.17 2.28
C3 NAG B . 5.93 -18.41 1.03
C4 NAG B . 4.91 -19.54 1.23
C5 NAG B . 4.19 -19.38 2.59
C6 NAG B . 3.37 -20.65 2.95
C7 NAG B . 8.83 -16.84 2.31
C8 NAG B . 9.43 -15.46 2.01
N2 NAG B . 7.52 -16.92 2.05
O3 NAG B . 6.78 -18.73 -0.05
O4 NAG B . 3.86 -19.44 0.29
O5 NAG B . 5.14 -19.25 3.63
O6 NAG B . 4.19 -21.78 3.00
O7 NAG B . 9.48 -17.81 2.72
H2 NAG B . 7.37 -18.92 2.45
H3 NAG B . 5.44 -17.57 0.90
H4 NAG B . 5.45 -20.33 1.13
H5 NAG B . 3.63 -18.59 2.54
H61 NAG B . 2.67 -20.75 2.28
H62 NAG B . 2.92 -20.49 3.79
H81 NAG B . 10.38 -15.48 2.22
H82 NAG B . 8.99 -14.80 2.56
H83 NAG B . 9.31 -15.26 1.07
HN2 NAG B . 7.10 -16.23 1.75
HO3 NAG B . 6.34 -18.61 -0.77
HO6 NAG B . 4.95 -21.54 3.30
C1 NAG B . 4.04 -20.15 -0.92
C2 NAG B . 2.63 -20.26 -1.50
C3 NAG B . 2.63 -20.79 -2.94
C4 NAG B . 3.63 -20.03 -3.81
C5 NAG B . 4.95 -19.95 -3.03
C6 NAG B . 6.03 -19.15 -3.75
C7 NAG B . 0.76 -20.77 -0.04
C8 NAG B . 0.07 -21.89 0.79
N2 NAG B . 1.86 -21.18 -0.67
O3 NAG B . 1.36 -20.60 -3.49
O4 NAG B . 3.84 -20.76 -5.01
O5 NAG B . 4.78 -19.30 -1.79
O6 NAG B . 7.27 -19.17 -3.08
O7 NAG B . 0.24 -19.66 -0.04
H2 NAG B . 2.24 -19.38 -1.50
H3 NAG B . 2.90 -21.71 -2.88
H4 NAG B . 3.25 -19.15 -3.98
H5 NAG B . 5.24 -20.86 -2.91
H61 NAG B . 5.70 -18.25 -3.85
H62 NAG B . 6.11 -19.52 -4.64
H81 NAG B . -0.62 -21.50 1.34
H82 NAG B . 0.73 -22.33 1.35
H83 NAG B . -0.32 -22.53 0.18
HN2 NAG B . 2.12 -21.99 -0.60
HO3 NAG B . 1.04 -19.88 -3.18
HO6 NAG B . 7.28 -19.83 -2.54
C1 NAG B . 3.62 -19.99 -6.19
C2 NAG B . 4.29 -20.72 -7.36
C3 NAG B . 4.08 -19.99 -8.69
C4 NAG B . 2.58 -19.72 -8.87
C5 NAG B . 2.02 -19.04 -7.65
C6 NAG B . 0.51 -18.89 -7.72
C7 NAG B . 6.27 -21.89 -6.53
C8 NAG B . 7.75 -21.80 -6.37
N2 NAG B . 5.69 -20.86 -7.09
O3 NAG B . 4.65 -20.81 -9.68
O4 NAG B . 2.35 -18.82 -9.95
O5 NAG B . 2.28 -19.83 -6.47
O6 NAG B . -0.03 -18.64 -6.44
O7 NAG B . 5.66 -22.89 -6.16
H2 NAG B . 3.87 -21.59 -7.43
H3 NAG B . 4.51 -19.13 -8.70
H4 NAG B . 2.22 -20.61 -9.03
H5 NAG B . 2.44 -18.18 -7.57
H61 NAG B . 0.14 -19.70 -8.11
H62 NAG B . 0.31 -18.16 -8.33
H81 NAG B . 8.06 -22.58 -5.89
H82 NAG B . 7.96 -21.00 -5.87
H83 NAG B . 8.16 -21.76 -7.25
HN2 NAG B . 6.20 -20.21 -7.33
HO3 NAG B . 4.06 -21.37 -9.95
HO6 NAG B . 0.14 -17.83 -6.24
C1 NAG B . 2.13 -19.43 -11.21
C2 NAG B . 1.41 -18.36 -12.07
C3 NAG B . 1.22 -18.83 -13.53
C4 NAG B . 2.57 -19.27 -14.05
C5 NAG B . 3.17 -20.33 -13.08
C6 NAG B . 4.55 -20.76 -13.62
C7 NAG B . -0.15 -16.72 -11.06
C8 NAG B . -1.55 -16.45 -10.66
N2 NAG B . 0.13 -17.95 -11.53
O3 NAG B . 0.73 -17.68 -14.22
O4 NAG B . 2.30 -19.83 -15.35
O5 NAG B . 3.35 -19.79 -11.75
O6 NAG B . 5.22 -21.46 -12.61
O7 NAG B . 0.69 -15.83 -11.08
H2 NAG B . 2.00 -17.59 -12.03
H3 NAG B . 0.61 -19.57 -13.61
H4 NAG B . 3.17 -18.52 -14.09
H5 NAG B . 2.57 -21.09 -13.00
H61 NAG B . 5.03 -19.97 -13.89
H62 NAG B . 4.41 -21.29 -14.41
H81 NAG B . -1.59 -15.60 -10.18
H82 NAG B . -1.87 -17.16 -10.08
H83 NAG B . -2.11 -16.40 -11.45
HN2 NAG B . -0.48 -18.56 -11.51
HO3 NAG B . 1.03 -17.71 -15.02
HO6 NAG B . 5.24 -20.98 -11.92
C1 NAG B . 3.08 -19.18 -16.37
C2 NAG B . 3.08 -20.13 -17.55
C3 NAG B . 3.75 -19.49 -18.74
C4 NAG B . 3.15 -18.12 -18.96
C5 NAG B . 3.05 -17.30 -17.70
C6 NAG B . 2.32 -16.04 -17.94
C7 NAG B . 3.20 -22.50 -17.14
C8 NAG B . 4.08 -23.63 -16.81
N2 NAG B . 3.81 -21.30 -17.25
O3 NAG B . 3.66 -20.34 -19.87
O4 NAG B . 3.99 -17.42 -19.83
O5 NAG B . 2.35 -18.06 -16.73
O6 NAG B . 1.02 -16.17 -18.41
O7 NAG B . 1.99 -22.68 -17.24
H2 NAG B . 2.16 -20.34 -17.72
H3 NAG B . 4.69 -19.37 -18.52
H4 NAG B . 2.26 -18.33 -19.30
H5 NAG B . 3.93 -17.09 -17.37
H61 NAG B . 2.85 -15.52 -18.56
H62 NAG B . 2.31 -15.55 -17.09
H81 NAG B . 3.55 -24.45 -16.73
H82 NAG B . 4.52 -23.46 -15.96
H83 NAG B . 4.74 -23.73 -17.51
HN2 NAG B . 4.65 -21.23 -17.14
HO3 NAG B . 2.84 -20.50 -20.02
HO4 NAG B . 3.54 -16.82 -20.24
HO6 NAG B . 0.49 -15.93 -17.80
C1 NAG C . 7.54 -11.58 -3.11
C2 NAG C . 8.44 -12.78 -3.33
C3 NAG C . 9.69 -12.75 -2.47
C4 NAG C . 10.38 -11.40 -2.62
C5 NAG C . 9.38 -10.25 -2.40
C6 NAG C . 10.06 -8.88 -2.57
C7 NAG C . 7.12 -14.40 -1.96
C8 NAG C . 6.47 -15.73 -2.06
N2 NAG C . 7.69 -14.01 -3.12
O3 NAG C . 10.49 -13.84 -2.91
O4 NAG C . 11.49 -11.32 -1.74
O5 NAG C . 8.24 -10.34 -3.28
O6 NAG C . 9.16 -7.84 -2.27
O7 NAG C . 7.08 -13.72 -0.96
H2 NAG C . 8.74 -12.72 -4.25
H3 NAG C . 9.45 -12.85 -1.52
H4 NAG C . 10.70 -11.37 -3.53
H5 NAG C . 9.02 -10.31 -1.51
H61 NAG C . 10.39 -8.81 -3.47
H62 NAG C . 10.83 -8.86 -1.98
H81 NAG C . 6.08 -15.98 -1.21
H82 NAG C . 7.12 -16.40 -2.32
H83 NAG C . 5.76 -15.70 -2.73
HN2 NAG C . 7.60 -14.53 -3.80
HO3 NAG C . 11.23 -13.81 -2.49
HO6 NAG C . 9.48 -7.11 -2.59
C1 NAG C . 12.76 -11.41 -2.37
C2 NAG C . 13.82 -10.79 -1.46
C3 NAG C . 15.19 -10.89 -2.13
C4 NAG C . 15.54 -12.37 -2.33
C5 NAG C . 14.41 -13.03 -3.13
C6 NAG C . 14.54 -14.56 -3.19
C7 NAG C . 13.39 -8.93 0.01
C8 NAG C . 13.05 -7.47 0.05
N2 NAG C . 13.49 -9.43 -1.22
O3 NAG C . 16.13 -10.16 -1.37
O4 NAG C . 16.82 -12.42 -2.98
O5 NAG C . 13.12 -12.75 -2.61
O6 NAG C . 14.30 -14.98 -4.51
O7 NAG C . 13.58 -9.62 1.01
H2 NAG C . 13.84 -11.29 -0.63
H3 NAG C . 15.14 -10.48 -3.01
H4 NAG C . 15.60 -12.80 -1.47
H5 NAG C . 14.47 -12.65 -4.02
H61 NAG C . 13.91 -14.94 -2.56
H62 NAG C . 15.42 -14.80 -2.88
H81 NAG C . 13.05 -7.17 0.97
H82 NAG C . 12.18 -7.33 -0.34
H83 NAG C . 13.71 -6.97 -0.45
HN2 NAG C . 13.34 -8.91 -1.89
HO3 NAG C . 16.91 -10.33 -1.68
HO6 NAG C . 14.24 -15.84 -4.51
C1 NAG D . -11.25 2.29 -11.03
C2 NAG D . -12.15 3.47 -11.48
C3 NAG D . -13.59 3.06 -11.52
C4 NAG D . -13.70 1.78 -12.34
C5 NAG D . -12.79 0.70 -11.79
C6 NAG D . -12.82 -0.59 -12.55
C7 NAG D . -11.15 5.66 -10.91
C8 NAG D . -11.20 6.76 -9.87
N2 NAG D . -11.98 4.63 -10.64
O3 NAG D . -14.39 4.08 -12.08
O4 NAG D . -15.06 1.44 -12.22
O5 NAG D . -11.43 1.15 -11.79
O6 NAG D . -12.13 -1.58 -11.79
O7 NAG D . -10.44 5.74 -11.91
H2 NAG D . -11.86 3.71 -12.37
H3 NAG D . -13.87 2.91 -10.60
H4 NAG D . -13.42 1.95 -13.26
H5 NAG D . -13.11 0.52 -10.90
H61 NAG D . -12.41 -0.44 -13.42
H62 NAG D . -13.75 -0.83 -12.72
H81 NAG D . -10.56 7.46 -10.10
H82 NAG D . -10.98 6.39 -9.00
H83 NAG D . -12.10 7.13 -9.84
HN2 NAG D . -12.45 4.67 -9.92
HO3 NAG D . -14.65 3.81 -12.84
HO6 NAG D . -11.68 -1.19 -11.19
C1 NAG D . -15.63 1.25 -13.53
C2 NAG D . -16.97 0.52 -13.38
C3 NAG D . -17.66 0.35 -14.73
C4 NAG D . -17.78 1.68 -15.47
C5 NAG D . -16.40 2.32 -15.50
C6 NAG D . -16.45 3.71 -16.14
C7 NAG D . -17.10 -0.95 -11.42
C8 NAG D . -16.87 -2.35 -10.91
N2 NAG D . -16.80 -0.74 -12.71
O3 NAG D . -18.95 -0.15 -14.48
O4 NAG D . -18.27 1.45 -16.80
O5 NAG D . -15.86 2.46 -14.20
O6 NAG D . -15.18 4.02 -16.69
O7 NAG D . -17.53 -0.08 -10.67
H2 NAG D . -17.53 1.07 -12.82
H3 NAG D . -17.10 -0.24 -15.26
H4 NAG D . -18.42 2.21 -14.98
H5 NAG D . -15.81 1.75 -16.02
H61 NAG D . -16.72 4.35 -15.46
H62 NAG D . -17.15 3.71 -16.82
H81 NAG D . -16.98 -2.37 -9.95
H82 NAG D . -15.97 -2.63 -11.15
H83 NAG D . -17.52 -2.94 -11.34
HN2 NAG D . -16.49 -1.39 -13.18
HO3 NAG D . -19.43 0.00 -15.17
HO4 NAG D . -18.63 2.16 -17.07
HO6 NAG D . -15.29 4.62 -17.28
C1 GOL E . -2.95 -20.98 -12.08
O1 GOL E . -2.03 -19.98 -11.75
C2 GOL E . -3.36 -20.77 -13.52
O2 GOL E . -2.94 -21.87 -14.31
C3 GOL E . -4.87 -20.54 -13.57
O3 GOL E . -5.22 -19.52 -12.63
H11 GOL E . -2.55 -21.87 -11.98
H12 GOL E . -3.73 -20.97 -11.50
HO1 GOL E . -2.46 -19.24 -11.76
H2 GOL E . -2.94 -19.97 -13.85
HO2 GOL E . -2.10 -21.89 -14.28
H31 GOL E . -5.12 -20.28 -14.48
H32 GOL E . -5.33 -21.38 -13.38
HO3 GOL E . -4.63 -18.92 -12.66
C1 NAG F . 12.10 19.81 3.34
C2 NAG F . 11.88 20.87 2.25
C3 NAG F . 12.28 22.32 2.67
C4 NAG F . 11.61 22.59 4.03
C5 NAG F . 12.01 21.49 5.04
C6 NAG F . 11.31 21.76 6.38
C7 NAG F . 11.74 19.82 0.03
C8 NAG F . 12.56 19.53 -1.19
N2 NAG F . 12.44 20.46 0.98
O3 NAG F . 11.90 23.17 1.61
O4 NAG F . 11.96 23.93 4.44
O5 NAG F . 11.66 20.15 4.64
O6 NAG F . 12.02 21.01 7.32
O7 NAG F . 10.57 19.41 0.15
H2 NAG F . 10.91 20.92 2.15
H3 NAG F . 13.24 22.41 2.80
H4 NAG F . 10.66 22.54 3.91
H5 NAG F . 12.97 21.50 5.12
H61 NAG F . 10.38 21.50 6.32
H62 NAG F . 11.32 22.71 6.57
H81 NAG F . 13.20 18.83 -1.00
H82 NAG F . 13.03 20.33 -1.46
H83 NAG F . 11.97 19.25 -1.91
HN2 NAG F . 13.27 20.65 0.83
HO3 NAG F . 11.55 23.87 1.95
HO4 NAG F . 12.45 23.90 5.14
HO6 NAG F . 11.72 21.21 8.09
#